data_5ORV
#
_entry.id   5ORV
#
_cell.length_a   81.660
_cell.length_b   81.660
_cell.length_c   175.150
_cell.angle_alpha   90.000
_cell.angle_beta   90.000
_cell.angle_gamma   120.000
#
_symmetry.space_group_name_H-M   'P 61 2 2'
#
loop_
_entity.id
_entity.type
_entity.pdbx_description
1 polymer 'Aurora kinase A'
2 non-polymer "ADENOSINE-5'-DIPHOSPHATE"
3 non-polymer 'MAGNESIUM ION'
4 non-polymer 'CHLORIDE ION'
5 non-polymer [3,5-bis(methylsulfanyl)-1,2-thiazol-4-yl]methanol
6 water water
#
_entity_poly.entity_id   1
_entity_poly.type   'polypeptide(L)'
_entity_poly.pdbx_seq_one_letter_code
;QWALEDFEIGRPLGKGKFGNVYLAREKQSKFILALKVLFKAQLEKAGVEHQLRREVEIQSHLRHPNILRLYGYFHDATRV
YLILEYAPLGTVYRELQKLSKFDEQRTATYITELANALSYCHSKRVIHRDIKPENLLLGSAGELKIADFGWSVHAPSSRR
T(TPO)LAGTLDYLPPEMIEGRMHDEKVDLWSLGVLCYEFLVGKPPFEANTYQETYKRISRVEFTFPDFVTEGARDLISR
LLKHNPSQRPMLREVLEHPWITANSSKPS
;
_entity_poly.pdbx_strand_id   A
#
loop_
_chem_comp.id
_chem_comp.type
_chem_comp.name
_chem_comp.formula
A65 non-polymer [3,5-bis(methylsulfanyl)-1,2-thiazol-4-yl]methanol 'C6 H9 N O S3'
ADP non-polymer ADENOSINE-5'-DIPHOSPHATE 'C10 H15 N5 O10 P2'
CL non-polymer 'CHLORIDE ION' 'Cl -1'
MG non-polymer 'MAGNESIUM ION' 'Mg 2'
#
# COMPACT_ATOMS: atom_id res chain seq x y z
N GLN A 1 -1.65 -20.61 -21.37
CA GLN A 1 -0.85 -21.47 -20.49
C GLN A 1 -1.67 -21.98 -19.31
N TRP A 2 -1.61 -21.27 -18.18
CA TRP A 2 -2.32 -21.71 -16.96
C TRP A 2 -3.83 -21.67 -17.12
N ALA A 3 -4.52 -22.58 -16.42
CA ALA A 3 -5.98 -22.57 -16.31
C ALA A 3 -6.41 -22.98 -14.90
N LEU A 4 -7.70 -22.91 -14.62
CA LEU A 4 -8.22 -23.18 -13.28
C LEU A 4 -7.96 -24.63 -12.86
N GLU A 5 -8.04 -25.54 -13.83
CA GLU A 5 -7.84 -26.97 -13.62
C GLU A 5 -6.46 -27.34 -13.09
N ASP A 6 -5.52 -26.40 -13.21
CA ASP A 6 -4.16 -26.62 -12.74
C ASP A 6 -4.00 -26.39 -11.22
N PHE A 7 -5.05 -25.92 -10.55
CA PHE A 7 -4.92 -25.53 -9.14
C PHE A 7 -5.95 -26.19 -8.23
N GLU A 8 -5.54 -26.50 -7.00
CA GLU A 8 -6.49 -26.86 -5.95
C GLU A 8 -6.72 -25.63 -5.08
N ILE A 9 -7.97 -25.27 -4.83
CA ILE A 9 -8.26 -24.05 -4.12
C ILE A 9 -8.46 -24.36 -2.63
N GLY A 10 -8.04 -23.44 -1.78
CA GLY A 10 -8.20 -23.61 -0.36
C GLY A 10 -8.96 -22.45 0.23
N ARG A 11 -8.56 -22.04 1.43
CA ARG A 11 -9.39 -21.10 2.17
C ARG A 11 -9.25 -19.66 1.70
N PRO A 12 -10.32 -18.86 1.91
CA PRO A 12 -10.27 -17.44 1.60
C PRO A 12 -9.17 -16.73 2.40
N LEU A 13 -8.38 -15.93 1.71
CA LEU A 13 -7.30 -15.15 2.34
C LEU A 13 -7.74 -13.71 2.62
N GLY A 14 -8.73 -13.24 1.87
CA GLY A 14 -9.24 -11.89 2.01
C GLY A 14 -10.20 -11.49 0.92
N LYS A 15 -10.85 -10.35 1.12
CA LYS A 15 -11.74 -9.77 0.13
C LYS A 15 -11.35 -8.30 -0.09
N GLY A 16 -11.40 -7.86 -1.34
CA GLY A 16 -11.27 -6.44 -1.62
C GLY A 16 -12.50 -6.00 -2.38
N LYS A 17 -12.50 -4.75 -2.86
CA LYS A 17 -13.62 -4.23 -3.65
C LYS A 17 -13.90 -5.12 -4.86
N PHE A 18 -12.86 -5.46 -5.59
CA PHE A 18 -12.99 -6.38 -6.72
C PHE A 18 -12.35 -7.73 -6.41
N GLY A 19 -11.24 -7.69 -5.66
CA GLY A 19 -10.48 -8.91 -5.36
C GLY A 19 -11.14 -9.89 -4.38
N ASN A 20 -11.19 -11.14 -4.79
CA ASN A 20 -11.53 -12.23 -3.90
C ASN A 20 -10.34 -13.16 -3.88
N VAL A 21 -9.59 -13.18 -2.78
CA VAL A 21 -8.27 -13.82 -2.81
C VAL A 21 -8.27 -15.15 -2.02
N TYR A 22 -7.77 -16.20 -2.66
CA TYR A 22 -7.78 -17.57 -2.09
C TYR A 22 -6.39 -18.20 -2.02
N LEU A 23 -6.16 -19.01 -0.99
CA LEU A 23 -4.98 -19.84 -0.96
C LEU A 23 -5.14 -20.93 -2.03
N ALA A 24 -4.04 -21.30 -2.70
CA ALA A 24 -4.08 -22.35 -3.74
C ALA A 24 -2.74 -23.09 -3.86
N ARG A 25 -2.80 -24.30 -4.43
CA ARG A 25 -1.62 -25.10 -4.67
C ARG A 25 -1.62 -25.60 -6.12
N GLU A 26 -0.52 -25.39 -6.84
CA GLU A 26 -0.42 -25.87 -8.21
C GLU A 26 -0.20 -27.38 -8.22
N LYS A 27 -0.99 -28.10 -9.01
CA LYS A 27 -1.09 -29.56 -8.89
C LYS A 27 0.20 -30.33 -9.15
N GLN A 28 0.94 -29.95 -10.19
CA GLN A 28 2.13 -30.72 -10.58
C GLN A 28 3.34 -30.46 -9.70
N SER A 29 3.51 -29.20 -9.28
CA SER A 29 4.67 -28.83 -8.48
C SER A 29 4.40 -28.76 -6.97
N LYS A 30 3.13 -28.78 -6.58
CA LYS A 30 2.69 -28.53 -5.19
C LYS A 30 3.09 -27.12 -4.67
N PHE A 31 3.36 -26.20 -5.60
CA PHE A 31 3.74 -24.83 -5.26
C PHE A 31 2.55 -24.08 -4.62
N ILE A 32 2.74 -23.54 -3.42
CA ILE A 32 1.70 -22.78 -2.73
C ILE A 32 1.72 -21.30 -3.12
N LEU A 33 0.55 -20.75 -3.39
CA LEU A 33 0.45 -19.37 -3.85
C LEU A 33 -0.92 -18.78 -3.49
N ALA A 34 -1.08 -17.50 -3.83
CA ALA A 34 -2.35 -16.81 -3.64
C ALA A 34 -2.98 -16.51 -4.99
N LEU A 35 -4.26 -16.86 -5.14
CA LEU A 35 -4.99 -16.62 -6.37
C LEU A 35 -5.98 -15.46 -6.19
N LYS A 36 -5.78 -14.37 -6.93
CA LYS A 36 -6.67 -13.20 -6.82
C LYS A 36 -7.71 -13.24 -7.93
N VAL A 37 -8.98 -13.45 -7.59
CA VAL A 37 -10.04 -13.64 -8.58
C VAL A 37 -10.90 -12.38 -8.75
N LEU A 38 -11.04 -11.94 -10.00
CA LEU A 38 -11.88 -10.79 -10.32
C LEU A 38 -13.01 -11.18 -11.28
N PHE A 39 -14.17 -10.58 -11.11
CA PHE A 39 -15.31 -10.87 -11.98
C PHE A 39 -15.39 -9.88 -13.15
N LYS A 40 -15.37 -10.41 -14.37
CA LYS A 40 -15.36 -9.58 -15.57
C LYS A 40 -16.57 -8.64 -15.63
N ALA A 41 -17.75 -9.12 -15.23
CA ALA A 41 -18.95 -8.26 -15.20
C ALA A 41 -18.74 -7.04 -14.30
N GLN A 42 -18.12 -7.25 -13.14
CA GLN A 42 -17.87 -6.16 -12.23
C GLN A 42 -16.75 -5.25 -12.75
N LEU A 43 -15.72 -5.82 -13.39
CA LEU A 43 -14.67 -4.99 -13.97
C LEU A 43 -15.23 -4.08 -15.07
N GLU A 44 -16.08 -4.66 -15.91
CA GLU A 44 -16.65 -3.95 -17.05
C GLU A 44 -17.63 -2.87 -16.60
N LYS A 45 -18.47 -3.19 -15.62
CA LYS A 45 -19.44 -2.26 -15.08
C LYS A 45 -18.76 -1.03 -14.48
N ALA A 46 -17.66 -1.23 -13.77
CA ALA A 46 -16.99 -0.11 -13.11
C ALA A 46 -16.00 0.57 -14.05
N GLY A 47 -15.71 -0.07 -15.19
CA GLY A 47 -14.77 0.46 -16.16
C GLY A 47 -13.31 0.49 -15.73
N VAL A 48 -12.85 -0.54 -15.03
CA VAL A 48 -11.51 -0.51 -14.50
C VAL A 48 -10.59 -1.58 -15.12
N GLU A 49 -10.87 -1.96 -16.35
CA GLU A 49 -9.97 -2.85 -17.10
C GLU A 49 -8.54 -2.32 -17.15
N HIS A 50 -8.38 -1.01 -17.37
CA HIS A 50 -7.04 -0.40 -17.50
C HIS A 50 -6.23 -0.51 -16.21
N GLN A 51 -6.91 -0.42 -15.07
CA GLN A 51 -6.26 -0.56 -13.76
C GLN A 51 -5.69 -1.96 -13.59
N LEU A 52 -6.47 -2.97 -13.94
CA LEU A 52 -6.00 -4.35 -13.86
C LEU A 52 -4.76 -4.60 -14.74
N ARG A 53 -4.78 -4.09 -15.97
CA ARG A 53 -3.62 -4.23 -16.85
C ARG A 53 -2.38 -3.57 -16.28
N ARG A 54 -2.57 -2.40 -15.67
CA ARG A 54 -1.46 -1.68 -15.07
C ARG A 54 -0.88 -2.52 -13.94
N GLU A 55 -1.78 -3.09 -13.13
CA GLU A 55 -1.39 -3.92 -12.01
C GLU A 55 -0.50 -5.09 -12.46
N VAL A 56 -0.95 -5.83 -13.47
CA VAL A 56 -0.17 -6.95 -14.00
C VAL A 56 1.16 -6.48 -14.58
N GLU A 57 1.12 -5.44 -15.42
CA GLU A 57 2.33 -4.95 -16.08
C GLU A 57 3.38 -4.43 -15.11
N ILE A 58 2.99 -3.49 -14.25
CA ILE A 58 3.92 -2.89 -13.30
C ILE A 58 4.48 -3.92 -12.31
N GLN A 59 3.59 -4.70 -11.69
CA GLN A 59 4.00 -5.55 -10.58
C GLN A 59 4.81 -6.77 -11.02
N SER A 60 4.56 -7.29 -12.23
CA SER A 60 5.29 -8.47 -12.70
C SER A 60 6.75 -8.18 -13.07
N HIS A 61 7.05 -6.90 -13.33
CA HIS A 61 8.40 -6.55 -13.73
C HIS A 61 9.28 -6.15 -12.56
N LEU A 62 8.69 -5.56 -11.53
CA LEU A 62 9.43 -5.22 -10.30
C LEU A 62 10.02 -6.45 -9.61
N ARG A 63 11.22 -6.29 -9.06
CA ARG A 63 11.86 -7.33 -8.26
C ARG A 63 12.56 -6.71 -7.05
N HIS A 64 11.91 -6.79 -5.89
CA HIS A 64 12.45 -6.24 -4.66
C HIS A 64 11.91 -7.07 -3.49
N PRO A 65 12.75 -7.36 -2.50
CA PRO A 65 12.37 -8.18 -1.33
C PRO A 65 11.16 -7.64 -0.56
N ASN A 66 10.92 -6.34 -0.65
CA ASN A 66 9.81 -5.71 0.07
C ASN A 66 8.63 -5.34 -0.82
N ILE A 67 8.57 -5.96 -2.00
CA ILE A 67 7.45 -5.83 -2.94
C ILE A 67 6.94 -7.24 -3.31
N LEU A 68 5.63 -7.45 -3.22
CA LEU A 68 5.02 -8.75 -3.55
C LEU A 68 5.13 -9.08 -5.04
N ARG A 69 5.53 -10.32 -5.31
CA ARG A 69 5.67 -10.84 -6.68
C ARG A 69 4.32 -11.17 -7.31
N LEU A 70 4.18 -10.82 -8.58
CA LEU A 70 3.11 -11.34 -9.42
C LEU A 70 3.74 -12.27 -10.48
N TYR A 71 3.26 -13.49 -10.55
CA TYR A 71 3.87 -14.51 -11.41
C TYR A 71 3.20 -14.63 -12.77
N GLY A 72 1.90 -14.32 -12.85
CA GLY A 72 1.18 -14.48 -14.10
C GLY A 72 -0.31 -14.30 -13.94
N TYR A 73 -1.05 -14.65 -14.98
CA TYR A 73 -2.49 -14.47 -15.00
C TYR A 73 -3.12 -15.37 -16.05
N PHE A 74 -4.42 -15.59 -15.94
CA PHE A 74 -5.24 -16.28 -16.94
C PHE A 74 -6.69 -15.88 -16.76
N HIS A 75 -7.56 -16.24 -17.72
CA HIS A 75 -8.98 -15.89 -17.62
C HIS A 75 -9.85 -16.93 -18.31
N ASP A 76 -11.15 -16.90 -18.01
CA ASP A 76 -12.04 -18.00 -18.40
C ASP A 76 -13.48 -17.56 -18.70
N ALA A 77 -13.62 -16.36 -19.25
CA ALA A 77 -14.91 -15.84 -19.76
C ALA A 77 -15.87 -15.32 -18.70
N THR A 78 -15.66 -15.64 -17.44
CA THR A 78 -16.39 -14.93 -16.38
C THR A 78 -15.43 -14.24 -15.41
N ARG A 79 -14.21 -14.75 -15.30
CA ARG A 79 -13.29 -14.29 -14.27
C ARG A 79 -11.88 -14.07 -14.79
N VAL A 80 -11.14 -13.20 -14.10
CA VAL A 80 -9.70 -13.04 -14.34
C VAL A 80 -8.96 -13.48 -13.07
N TYR A 81 -7.83 -14.16 -13.23
CA TYR A 81 -7.07 -14.72 -12.11
C TYR A 81 -5.64 -14.20 -12.10
N LEU A 82 -5.23 -13.49 -11.04
CA LEU A 82 -3.83 -13.13 -10.87
C LEU A 82 -3.13 -14.13 -9.96
N ILE A 83 -1.95 -14.59 -10.37
CA ILE A 83 -1.17 -15.55 -9.60
C ILE A 83 -0.12 -14.80 -8.78
N LEU A 84 -0.32 -14.75 -7.45
CA LEU A 84 0.55 -13.97 -6.60
C LEU A 84 1.39 -14.80 -5.65
N GLU A 85 2.54 -14.22 -5.25
CA GLU A 85 3.28 -14.70 -4.08
C GLU A 85 2.36 -14.73 -2.83
N TYR A 86 2.38 -15.83 -2.09
CA TYR A 86 1.58 -15.97 -0.86
C TYR A 86 2.33 -15.33 0.32
N ALA A 87 1.64 -14.46 1.07
CA ALA A 87 2.22 -13.79 2.23
C ALA A 87 1.66 -14.43 3.50
N PRO A 88 2.47 -15.28 4.16
CA PRO A 88 1.88 -16.17 5.17
C PRO A 88 1.51 -15.49 6.49
N LEU A 89 2.06 -14.32 6.81
CA LEU A 89 1.73 -13.69 8.10
C LEU A 89 0.65 -12.62 7.97
N GLY A 90 0.04 -12.51 6.80
CA GLY A 90 -1.16 -11.70 6.68
C GLY A 90 -0.89 -10.20 6.53
N THR A 91 -1.86 -9.37 6.88
CA THR A 91 -1.77 -7.91 6.65
C THR A 91 -1.33 -7.12 7.87
N VAL A 92 -0.71 -5.96 7.63
CA VAL A 92 -0.37 -5.02 8.69
C VAL A 92 -1.63 -4.51 9.38
N TYR A 93 -2.69 -4.33 8.60
CA TYR A 93 -4.03 -4.00 9.11
C TYR A 93 -4.46 -4.94 10.24
N ARG A 94 -4.34 -6.24 9.99
CA ARG A 94 -4.72 -7.25 10.98
C ARG A 94 -3.84 -7.14 12.22
N GLU A 95 -2.55 -6.93 12.02
CA GLU A 95 -1.60 -6.81 13.13
C GLU A 95 -1.91 -5.59 13.99
N LEU A 96 -2.34 -4.50 13.35
CA LEU A 96 -2.67 -3.28 14.07
C LEU A 96 -3.97 -3.46 14.88
N GLN A 97 -4.93 -4.19 14.34
CA GLN A 97 -6.17 -4.44 15.09
C GLN A 97 -5.91 -5.32 16.30
N LYS A 98 -4.93 -6.19 16.19
CA LYS A 98 -4.57 -7.12 17.26
C LYS A 98 -3.90 -6.37 18.42
N LEU A 99 -2.93 -5.51 18.11
CA LEU A 99 -2.08 -4.88 19.13
C LEU A 99 -2.50 -3.46 19.53
N SER A 100 -3.42 -2.87 18.77
CA SER A 100 -3.89 -1.48 18.94
C SER A 100 -2.89 -0.41 18.47
N LYS A 101 -1.65 -0.46 18.96
CA LYS A 101 -0.59 0.45 18.52
C LYS A 101 0.72 -0.31 18.43
N PHE A 102 1.62 0.15 17.57
CA PHE A 102 2.98 -0.41 17.49
C PHE A 102 3.95 0.43 18.32
N ASP A 103 5.00 -0.19 18.87
CA ASP A 103 6.03 0.58 19.57
C ASP A 103 6.94 1.26 18.56
N GLU A 104 7.91 2.01 19.06
CA GLU A 104 8.74 2.82 18.17
C GLU A 104 9.65 1.97 17.29
N GLN A 105 10.07 0.83 17.81
CA GLN A 105 10.99 -0.05 17.08
C GLN A 105 10.28 -0.75 15.93
N ARG A 106 9.10 -1.28 16.22
CA ARG A 106 8.27 -1.90 15.18
C ARG A 106 7.93 -0.90 14.06
N THR A 107 7.51 0.30 14.47
CA THR A 107 7.12 1.35 13.53
C THR A 107 8.27 1.80 12.64
N ALA A 108 9.44 2.02 13.24
CA ALA A 108 10.60 2.50 12.49
C ALA A 108 11.12 1.42 11.55
N THR A 109 11.02 0.16 11.97
CA THR A 109 11.40 -0.94 11.11
C THR A 109 10.48 -1.03 9.89
N TYR A 110 9.16 -0.94 10.10
CA TYR A 110 8.21 -0.95 8.99
C TYR A 110 8.45 0.22 8.02
N ILE A 111 8.69 1.41 8.59
CA ILE A 111 8.90 2.62 7.78
C ILE A 111 10.16 2.49 6.90
N THR A 112 11.23 1.90 7.46
CA THR A 112 12.45 1.62 6.70
C THR A 112 12.19 0.67 5.51
N GLU A 113 11.47 -0.42 5.76
CA GLU A 113 11.14 -1.38 4.69
C GLU A 113 10.27 -0.73 3.60
N LEU A 114 9.30 0.07 4.03
CA LEU A 114 8.46 0.81 3.09
C LEU A 114 9.30 1.77 2.23
N ALA A 115 10.17 2.52 2.90
CA ALA A 115 10.96 3.53 2.19
C ALA A 115 11.92 2.88 1.20
N ASN A 116 12.47 1.72 1.56
CA ASN A 116 13.29 0.93 0.63
C ASN A 116 12.51 0.50 -0.61
N ALA A 117 11.35 -0.11 -0.40
CA ALA A 117 10.51 -0.53 -1.52
C ALA A 117 10.09 0.66 -2.40
N LEU A 118 9.72 1.78 -1.77
CA LEU A 118 9.25 2.93 -2.52
C LEU A 118 10.41 3.57 -3.30
N SER A 119 11.59 3.55 -2.70
CA SER A 119 12.77 4.10 -3.37
C SER A 119 13.03 3.32 -4.66
N TYR A 120 12.92 2.00 -4.60
CA TYR A 120 13.05 1.15 -5.77
C TYR A 120 12.00 1.49 -6.83
N CYS A 121 10.75 1.66 -6.41
CA CYS A 121 9.64 2.03 -7.30
C CYS A 121 9.84 3.38 -8.00
N HIS A 122 10.24 4.37 -7.20
CA HIS A 122 10.37 5.74 -7.70
C HIS A 122 11.54 5.86 -8.69
N SER A 123 12.55 5.01 -8.53
CA SER A 123 13.70 5.03 -9.44
C SER A 123 13.28 4.63 -10.86
N LYS A 124 12.13 3.96 -10.99
CA LYS A 124 11.53 3.67 -12.30
C LYS A 124 10.36 4.57 -12.60
N ARG A 125 10.24 5.65 -11.81
CA ARG A 125 9.15 6.62 -11.92
C ARG A 125 7.78 5.97 -11.75
N VAL A 126 7.73 4.88 -10.97
CA VAL A 126 6.46 4.25 -10.60
C VAL A 126 5.97 4.82 -9.26
N ILE A 127 4.73 5.30 -9.22
CA ILE A 127 4.11 5.71 -7.96
C ILE A 127 2.92 4.80 -7.64
N HIS A 128 2.79 4.44 -6.36
CA HIS A 128 1.81 3.42 -5.96
C HIS A 128 0.41 4.01 -5.80
N ARG A 129 0.35 5.09 -5.00
CA ARG A 129 -0.84 5.91 -4.79
C ARG A 129 -1.93 5.28 -3.91
N ASP A 130 -1.72 4.05 -3.41
CA ASP A 130 -2.73 3.39 -2.57
C ASP A 130 -2.06 2.64 -1.42
N ILE A 131 -1.01 3.23 -0.87
CA ILE A 131 -0.37 2.72 0.32
C ILE A 131 -1.27 2.87 1.57
N LYS A 132 -1.69 1.75 2.13
CA LYS A 132 -2.48 1.72 3.35
C LYS A 132 -2.39 0.32 3.95
N PRO A 133 -2.68 0.18 5.27
CA PRO A 133 -2.43 -1.08 5.97
C PRO A 133 -3.02 -2.37 5.33
N GLU A 134 -4.18 -2.30 4.68
CA GLU A 134 -4.77 -3.52 4.08
C GLU A 134 -4.01 -3.98 2.80
N ASN A 135 -3.17 -3.11 2.25
CA ASN A 135 -2.33 -3.43 1.11
C ASN A 135 -0.87 -3.69 1.45
N LEU A 136 -0.56 -3.80 2.73
CA LEU A 136 0.79 -4.15 3.18
C LEU A 136 0.83 -5.56 3.82
N LEU A 137 1.54 -6.50 3.19
CA LEU A 137 1.47 -7.91 3.63
C LEU A 137 2.77 -8.29 4.34
N LEU A 138 2.77 -9.44 5.02
CA LEU A 138 3.91 -9.82 5.83
C LEU A 138 4.46 -11.20 5.43
N GLY A 139 5.75 -11.23 5.13
CA GLY A 139 6.43 -12.45 4.72
C GLY A 139 6.70 -13.37 5.89
N SER A 140 7.35 -14.50 5.59
CA SER A 140 7.50 -15.57 6.57
C SER A 140 8.41 -15.18 7.74
N ALA A 141 9.32 -14.23 7.50
CA ALA A 141 10.17 -13.70 8.56
C ALA A 141 9.63 -12.39 9.11
N GLY A 142 8.37 -12.10 8.84
CA GLY A 142 7.72 -10.90 9.33
C GLY A 142 8.05 -9.63 8.57
N GLU A 143 8.71 -9.75 7.42
CA GLU A 143 9.10 -8.56 6.65
C GLU A 143 7.93 -7.99 5.83
N LEU A 144 7.90 -6.67 5.74
CA LEU A 144 6.82 -5.99 5.05
C LEU A 144 6.96 -6.05 3.52
N LYS A 145 5.84 -6.29 2.83
CA LYS A 145 5.80 -6.30 1.37
C LYS A 145 4.63 -5.46 0.84
N ILE A 146 4.90 -4.47 -0.01
CA ILE A 146 3.84 -3.70 -0.65
C ILE A 146 3.08 -4.53 -1.70
N ALA A 147 1.76 -4.43 -1.70
CA ALA A 147 0.94 -5.16 -2.65
C ALA A 147 -0.16 -4.27 -3.24
N ASP A 148 -1.03 -4.85 -4.07
CA ASP A 148 -2.18 -4.17 -4.68
C ASP A 148 -1.79 -2.95 -5.54
N PHE A 149 -1.18 -3.21 -6.70
CA PHE A 149 -0.69 -2.12 -7.55
C PHE A 149 -1.73 -1.64 -8.54
N GLY A 150 -3.01 -1.86 -8.24
CA GLY A 150 -4.08 -1.48 -9.14
C GLY A 150 -4.26 0.01 -9.40
N TRP A 151 -3.82 0.85 -8.46
CA TRP A 151 -3.90 2.31 -8.65
C TRP A 151 -2.57 2.90 -9.10
N SER A 152 -1.56 2.07 -9.32
CA SER A 152 -0.22 2.60 -9.61
C SER A 152 -0.14 3.16 -11.05
N VAL A 153 0.77 4.11 -11.25
CA VAL A 153 0.97 4.78 -12.55
C VAL A 153 2.41 5.28 -12.72
N HIS A 154 2.67 5.89 -13.87
CA HIS A 154 3.92 6.62 -14.12
C HIS A 154 3.70 8.13 -13.97
N ALA A 155 4.69 8.83 -13.40
CA ALA A 155 4.56 10.25 -13.10
C ALA A 155 5.06 11.13 -14.25
N PRO A 156 4.52 12.35 -14.38
CA PRO A 156 3.46 12.91 -13.54
C PRO A 156 2.07 12.36 -14.00
N SER A 157 1.01 12.59 -13.23
CA SER A 157 -0.33 12.08 -13.58
C SER A 157 -1.54 12.95 -13.13
N SER A 158 -2.69 12.78 -13.78
CA SER A 158 -3.96 13.26 -13.24
C SER A 158 -4.74 12.08 -12.70
N ARG A 159 -6.00 12.29 -12.35
CA ARG A 159 -6.83 11.16 -11.96
C ARG A 159 -8.03 11.03 -12.92
N ARG A 160 -8.09 9.89 -13.61
CA ARG A 160 -9.14 9.64 -14.59
C ARG A 160 -10.26 8.77 -14.01
N THR A 161 -10.02 8.22 -12.82
CA THR A 161 -10.95 7.29 -12.19
C THR A 161 -11.50 7.84 -10.87
N TPO A 162 -12.77 7.55 -10.62
CA TPO A 162 -13.46 7.98 -9.40
CB TPO A 162 -14.97 7.64 -9.51
CG2 TPO A 162 -15.70 8.00 -8.20
OG1 TPO A 162 -15.56 8.34 -10.61
P TPO A 162 -15.98 7.32 -11.79
O1P TPO A 162 -14.71 6.42 -12.20
O2P TPO A 162 -17.09 6.44 -11.35
O3P TPO A 162 -16.44 8.17 -13.07
C TPO A 162 -12.86 7.36 -8.12
O TPO A 162 -12.57 6.16 -8.09
N LEU A 163 -12.63 8.20 -7.11
CA LEU A 163 -12.14 7.72 -5.80
C LEU A 163 -13.21 6.89 -5.09
N ALA A 164 -12.89 5.64 -4.81
CA ALA A 164 -13.87 4.72 -4.25
C ALA A 164 -14.16 4.96 -2.76
N GLY A 165 -13.36 4.35 -1.89
CA GLY A 165 -13.63 4.34 -0.46
C GLY A 165 -13.07 5.50 0.35
N THR A 166 -12.11 5.19 1.21
CA THR A 166 -11.61 6.14 2.19
C THR A 166 -10.64 7.18 1.61
N LEU A 167 -10.78 8.42 2.07
CA LEU A 167 -9.83 9.46 1.71
C LEU A 167 -8.60 9.45 2.63
N ASP A 168 -8.59 8.60 3.65
CA ASP A 168 -7.69 8.80 4.79
C ASP A 168 -6.18 8.87 4.46
N TYR A 169 -5.73 8.27 3.35
CA TYR A 169 -4.29 8.20 3.08
C TYR A 169 -3.83 9.09 1.93
N LEU A 170 -4.78 9.80 1.32
CA LEU A 170 -4.51 10.62 0.14
C LEU A 170 -4.13 12.06 0.49
N PRO A 171 -3.15 12.62 -0.23
CA PRO A 171 -2.69 14.00 -0.05
C PRO A 171 -3.67 15.02 -0.65
N PRO A 172 -3.51 16.30 -0.29
CA PRO A 172 -4.42 17.35 -0.78
C PRO A 172 -4.53 17.44 -2.31
N GLU A 173 -3.39 17.34 -3.00
CA GLU A 173 -3.39 17.47 -4.46
C GLU A 173 -4.18 16.35 -5.13
N MET A 174 -4.22 15.17 -4.52
CA MET A 174 -4.96 14.08 -5.11
C MET A 174 -6.46 14.21 -4.86
N ILE A 175 -6.86 14.64 -3.67
CA ILE A 175 -8.29 14.70 -3.41
C ILE A 175 -8.92 15.92 -4.10
N GLU A 176 -8.09 16.93 -4.39
CA GLU A 176 -8.55 18.11 -5.10
C GLU A 176 -8.46 17.91 -6.61
N GLY A 177 -8.15 16.68 -7.01
CA GLY A 177 -8.14 16.31 -8.42
C GLY A 177 -7.06 17.00 -9.22
N ARG A 178 -6.11 17.61 -8.53
CA ARG A 178 -5.02 18.32 -9.20
C ARG A 178 -3.97 17.36 -9.71
N MET A 179 -2.94 17.92 -10.33
CA MET A 179 -1.78 17.15 -10.69
C MET A 179 -0.92 16.66 -9.53
N HIS A 180 -0.38 15.45 -9.68
CA HIS A 180 0.51 14.87 -8.69
C HIS A 180 1.71 14.11 -9.27
N ASP A 181 2.67 13.80 -8.39
CA ASP A 181 3.83 13.01 -8.73
C ASP A 181 4.24 12.07 -7.58
N GLU A 182 5.50 11.69 -7.56
CA GLU A 182 6.08 10.80 -6.55
C GLU A 182 5.77 11.20 -5.11
N LYS A 183 5.64 12.49 -4.86
CA LYS A 183 5.49 12.96 -3.49
C LYS A 183 4.16 12.52 -2.85
N VAL A 184 3.22 12.00 -3.64
CA VAL A 184 1.98 11.49 -3.05
C VAL A 184 2.31 10.33 -2.10
N ASP A 185 3.28 9.49 -2.46
CA ASP A 185 3.63 8.32 -1.64
C ASP A 185 4.36 8.74 -0.36
N LEU A 186 4.97 9.92 -0.38
CA LEU A 186 5.63 10.38 0.83
C LEU A 186 4.64 10.91 1.86
N TRP A 187 3.60 11.58 1.39
CA TRP A 187 2.49 11.97 2.24
C TRP A 187 1.88 10.72 2.93
N SER A 188 1.56 9.70 2.14
CA SER A 188 1.01 8.44 2.65
C SER A 188 1.91 7.80 3.72
N LEU A 189 3.22 7.83 3.48
CA LEU A 189 4.22 7.36 4.43
C LEU A 189 4.10 8.09 5.77
N GLY A 190 3.92 9.41 5.72
CA GLY A 190 3.61 10.19 6.91
C GLY A 190 2.33 9.76 7.62
N VAL A 191 1.25 9.54 6.86
CA VAL A 191 -0.01 9.10 7.45
C VAL A 191 0.16 7.75 8.15
N LEU A 192 0.88 6.84 7.49
CA LEU A 192 1.12 5.49 8.05
C LEU A 192 1.95 5.54 9.33
N CYS A 193 2.99 6.37 9.33
CA CYS A 193 3.83 6.48 10.52
C CYS A 193 3.00 6.94 11.74
N TYR A 194 2.13 7.91 11.54
CA TYR A 194 1.23 8.36 12.61
C TYR A 194 0.27 7.24 13.02
N GLU A 195 -0.34 6.56 12.05
CA GLU A 195 -1.32 5.50 12.40
C GLU A 195 -0.65 4.35 13.17
N PHE A 196 0.56 3.99 12.78
CA PHE A 196 1.29 2.91 13.46
C PHE A 196 1.51 3.24 14.94
N LEU A 197 1.94 4.46 15.24
CA LEU A 197 2.26 4.88 16.61
C LEU A 197 1.02 5.20 17.46
N VAL A 198 -0.04 5.70 16.81
CA VAL A 198 -1.22 6.21 17.53
C VAL A 198 -2.42 5.25 17.50
N GLY A 199 -2.54 4.43 16.46
CA GLY A 199 -3.66 3.49 16.35
C GLY A 199 -4.79 3.93 15.44
N LYS A 200 -4.74 5.17 14.98
CA LYS A 200 -5.69 5.68 13.98
C LYS A 200 -5.01 6.76 13.14
N PRO A 201 -5.48 6.95 11.89
CA PRO A 201 -4.81 7.93 11.01
C PRO A 201 -5.16 9.38 11.40
N PRO A 202 -4.30 10.34 11.04
CA PRO A 202 -4.36 11.69 11.63
C PRO A 202 -5.54 12.56 11.19
N PHE A 203 -6.21 12.24 10.08
CA PHE A 203 -7.28 13.10 9.60
C PHE A 203 -8.63 12.39 9.71
N GLU A 204 -8.66 11.31 10.49
CA GLU A 204 -9.85 10.48 10.58
C GLU A 204 -11.03 11.28 11.12
N ALA A 205 -12.21 10.96 10.60
CA ALA A 205 -13.39 11.75 10.86
C ALA A 205 -14.65 10.97 10.51
N ASN A 206 -15.80 11.43 11.00
CA ASN A 206 -17.03 10.67 10.88
C ASN A 206 -17.68 10.74 9.49
N THR A 207 -17.36 11.76 8.71
CA THR A 207 -17.92 11.88 7.37
C THR A 207 -16.83 12.14 6.34
N TYR A 208 -17.13 11.80 5.09
CA TYR A 208 -16.28 12.09 3.93
C TYR A 208 -15.97 13.58 3.87
N GLN A 209 -17.03 14.37 4.00
CA GLN A 209 -16.94 15.81 3.82
C GLN A 209 -15.98 16.44 4.83
N GLU A 210 -16.07 16.01 6.08
CA GLU A 210 -15.17 16.53 7.09
C GLU A 210 -13.72 16.01 6.97
N THR A 211 -13.55 14.74 6.58
CA THR A 211 -12.20 14.21 6.35
C THR A 211 -11.49 15.01 5.26
N TYR A 212 -12.24 15.32 4.20
CA TYR A 212 -11.75 16.15 3.11
C TYR A 212 -11.24 17.47 3.64
N LYS A 213 -12.02 18.08 4.53
CA LYS A 213 -11.67 19.38 5.11
C LYS A 213 -10.39 19.29 5.91
N ARG A 214 -10.26 18.27 6.77
CA ARG A 214 -9.06 18.13 7.60
C ARG A 214 -7.80 17.87 6.76
N ILE A 215 -7.93 17.08 5.69
CA ILE A 215 -6.79 16.83 4.82
C ILE A 215 -6.35 18.10 4.08
N SER A 216 -7.29 18.83 3.48
CA SER A 216 -6.91 20.00 2.68
C SER A 216 -6.25 21.07 3.55
N ARG A 217 -6.67 21.17 4.82
CA ARG A 217 -6.10 22.12 5.77
C ARG A 217 -4.91 21.58 6.58
N VAL A 218 -4.66 20.28 6.44
CA VAL A 218 -3.62 19.57 7.21
C VAL A 218 -3.83 19.80 8.72
N GLU A 219 -5.05 19.57 9.18
CA GLU A 219 -5.36 19.68 10.61
C GLU A 219 -5.17 18.35 11.30
N PHE A 220 -4.08 18.23 12.07
CA PHE A 220 -3.90 17.06 12.95
C PHE A 220 -3.17 17.48 14.21
N THR A 221 -3.36 16.73 15.30
CA THR A 221 -2.57 16.93 16.51
C THR A 221 -2.03 15.59 17.02
N PHE A 222 -1.01 15.67 17.89
CA PHE A 222 -0.36 14.49 18.46
C PHE A 222 -0.81 14.22 19.89
N PRO A 223 -1.02 12.93 20.24
CA PRO A 223 -1.20 12.58 21.65
C PRO A 223 0.12 12.79 22.43
N ASP A 224 0.06 12.95 23.75
CA ASP A 224 1.25 13.28 24.53
C ASP A 224 2.37 12.24 24.41
N PHE A 225 2.04 10.97 24.22
CA PHE A 225 3.05 9.93 24.26
C PHE A 225 3.95 9.90 23.01
N VAL A 226 3.56 10.59 21.94
CA VAL A 226 4.39 10.63 20.73
C VAL A 226 5.65 11.48 20.97
N THR A 227 6.84 10.90 20.78
CA THR A 227 8.10 11.58 21.13
C THR A 227 8.53 12.66 20.12
N GLU A 228 9.56 13.43 20.46
CA GLU A 228 9.92 14.59 19.65
C GLU A 228 10.42 14.16 18.28
N GLY A 229 11.15 13.05 18.23
CA GLY A 229 11.72 12.58 16.99
C GLY A 229 10.65 12.11 16.01
N ALA A 230 9.67 11.37 16.52
CA ALA A 230 8.57 10.91 15.67
C ALA A 230 7.79 12.10 15.11
N ARG A 231 7.47 13.06 15.98
CA ARG A 231 6.77 14.29 15.59
C ARG A 231 7.48 15.06 14.48
N ASP A 232 8.81 15.14 14.59
CA ASP A 232 9.61 15.83 13.58
C ASP A 232 9.52 15.13 12.22
N LEU A 233 9.65 13.81 12.21
CA LEU A 233 9.54 13.07 10.95
C LEU A 233 8.15 13.23 10.33
N ILE A 234 7.12 13.01 11.13
CA ILE A 234 5.74 13.07 10.64
C ILE A 234 5.38 14.49 10.11
N SER A 235 5.76 15.52 10.85
CA SER A 235 5.50 16.91 10.42
C SER A 235 6.19 17.27 9.10
N ARG A 236 7.36 16.69 8.84
CA ARG A 236 8.08 16.92 7.59
C ARG A 236 7.39 16.24 6.40
N LEU A 237 6.78 15.09 6.65
CA LEU A 237 6.12 14.32 5.59
C LEU A 237 4.73 14.87 5.25
N LEU A 238 4.00 15.38 6.25
CA LEU A 238 2.65 15.90 6.04
C LEU A 238 2.64 17.41 5.72
N LYS A 239 3.41 17.81 4.73
CA LYS A 239 3.42 19.20 4.24
C LYS A 239 2.42 19.39 3.12
N HIS A 240 1.60 20.44 3.19
CA HIS A 240 0.61 20.69 2.15
C HIS A 240 1.26 20.79 0.77
N ASN A 241 2.39 21.51 0.68
CA ASN A 241 3.10 21.64 -0.60
C ASN A 241 4.06 20.47 -0.85
N PRO A 242 3.82 19.70 -1.92
CA PRO A 242 4.56 18.47 -2.23
C PRO A 242 6.07 18.67 -2.26
N SER A 243 6.53 19.77 -2.84
CA SER A 243 7.96 20.00 -3.04
C SER A 243 8.70 20.16 -1.71
N GLN A 244 7.97 20.45 -0.64
CA GLN A 244 8.59 20.60 0.67
C GLN A 244 8.72 19.28 1.44
N ARG A 245 8.14 18.20 0.91
CA ARG A 245 8.25 16.90 1.58
C ARG A 245 9.64 16.32 1.32
N PRO A 246 10.24 15.63 2.32
CA PRO A 246 11.61 15.13 2.19
C PRO A 246 11.79 14.10 1.07
N MET A 247 13.05 13.86 0.71
CA MET A 247 13.40 12.77 -0.20
C MET A 247 13.45 11.48 0.60
N LEU A 248 13.28 10.34 -0.05
CA LEU A 248 13.26 9.06 0.67
C LEU A 248 14.62 8.80 1.38
N ARG A 249 15.73 9.28 0.82
CA ARG A 249 17.03 9.14 1.50
C ARG A 249 17.02 9.89 2.82
N GLU A 250 16.34 11.04 2.86
CA GLU A 250 16.23 11.80 4.09
C GLU A 250 15.41 11.07 5.15
N VAL A 251 14.33 10.41 4.74
CA VAL A 251 13.57 9.56 5.67
C VAL A 251 14.44 8.44 6.21
N LEU A 252 15.12 7.73 5.31
CA LEU A 252 15.98 6.62 5.69
C LEU A 252 17.15 7.06 6.58
N GLU A 253 17.53 8.33 6.48
CA GLU A 253 18.66 8.88 7.24
C GLU A 253 18.23 9.63 8.49
N HIS A 254 16.92 9.80 8.69
CA HIS A 254 16.42 10.59 9.80
C HIS A 254 16.85 9.96 11.14
N PRO A 255 17.28 10.80 12.11
CA PRO A 255 17.83 10.32 13.39
C PRO A 255 16.90 9.41 14.19
N TRP A 256 15.59 9.65 14.12
CA TRP A 256 14.64 8.81 14.85
C TRP A 256 14.54 7.42 14.21
N ILE A 257 14.62 7.38 12.88
CA ILE A 257 14.62 6.11 12.15
C ILE A 257 15.90 5.31 12.43
N THR A 258 17.06 5.97 12.34
CA THR A 258 18.31 5.26 12.55
C THR A 258 18.44 4.77 13.99
N ALA A 259 17.84 5.49 14.92
CA ALA A 259 17.93 5.09 16.32
C ALA A 259 17.04 3.88 16.63
N ASN A 260 15.91 3.75 15.96
CA ASN A 260 14.90 2.77 16.37
C ASN A 260 14.68 1.58 15.42
N SER A 261 15.07 1.73 14.15
CA SER A 261 14.84 0.65 13.19
C SER A 261 15.84 -0.48 13.38
N SER A 262 15.43 -1.70 13.05
CA SER A 262 16.33 -2.85 13.16
C SER A 262 16.72 -3.40 11.79
N LYS A 263 16.44 -2.64 10.73
CA LYS A 263 16.85 -3.01 9.37
C LYS A 263 17.63 -1.84 8.75
N PRO A 264 18.51 -2.14 7.77
CA PRO A 264 19.29 -1.09 7.10
C PRO A 264 18.64 -0.55 5.81
N SER A 265 19.33 0.37 5.13
CA SER A 265 18.84 0.93 3.87
C SER A 265 19.07 -0.02 2.68
PB ADP B . -8.17 -5.33 -3.96
O1B ADP B . -7.51 -4.92 -5.24
O2B ADP B . -9.61 -5.70 -4.21
O3B ADP B . -7.97 -4.40 -2.78
PA ADP B . -6.01 -6.92 -2.84
O1A ADP B . -4.96 -7.41 -3.81
O2A ADP B . -5.60 -5.80 -1.91
O3A ADP B . -7.46 -6.73 -3.51
O5' ADP B . -6.28 -8.17 -1.83
C5' ADP B . -7.34 -8.02 -0.89
C4' ADP B . -7.05 -8.69 0.46
O4' ADP B . -6.76 -10.10 0.37
C3' ADP B . -5.85 -8.07 1.14
O3' ADP B . -6.24 -6.87 1.84
C2' ADP B . -5.40 -9.21 2.05
O2' ADP B . -6.26 -9.27 3.20
C1' ADP B . -5.67 -10.46 1.23
N9 ADP B . -4.53 -10.79 0.35
C8 ADP B . -4.33 -10.29 -0.89
N7 ADP B . -3.21 -10.78 -1.46
C5 ADP B . -2.67 -11.63 -0.56
C6 ADP B . -1.49 -12.53 -0.55
N6 ADP B . -0.65 -12.54 -1.62
N1 ADP B . -1.25 -13.26 0.57
C2 ADP B . -2.10 -13.21 1.63
N3 ADP B . -3.21 -12.45 1.67
C4 ADP B . -3.54 -11.64 0.62
MG MG C . -6.27 -3.79 -1.66
MG MG D . -6.87 -3.36 -6.62
CL CL E . -3.35 11.97 -16.64
CL CL F . -6.35 7.45 -12.67
C4 A65 G . -8.16 -8.99 -19.01
C5 A65 G . -8.33 -10.31 -19.65
C3 A65 G . -11.38 -9.23 -19.43
C2 A65 G . -9.04 -7.86 -18.69
C1 A65 G . -6.86 -8.47 -18.50
O A65 G . -8.04 -10.25 -21.04
S2 A65 G . -10.77 -7.64 -18.96
S1 A65 G . -8.34 -6.77 -18.04
N A65 G . -6.96 -7.21 -17.94
S A65 G . -5.43 -9.42 -18.62
C A65 G . -4.23 -8.34 -17.87
#